data_3J6T
#
_entry.id   3J6T
#
_cell.length_a   1
_cell.length_b   1
_cell.length_c   1
_cell.angle_alpha   90
_cell.angle_beta   90
_cell.angle_gamma   90
#
_symmetry.space_group_name_H-M   'P 1'
#
loop_
_entity.id
_entity.type
_entity.pdbx_description
1 polymer 'envelope protein'
2 polymer 'membrane protein'
#
loop_
_entity_poly.entity_id
_entity_poly.type
_entity_poly.pdbx_seq_one_letter_code
_entity_poly.pdbx_strand_id
1 'polypeptide(L)'
;MRCVGVGNRDFVEGLSGATWVDVVLEHGGCVTTMAKNKPTLDIELQKTEATQLATLRKLCIEGKITNITTDSRCPTQGEA
VLPEEQDQNYVCKHTYVDRGWGNGCGLFGKGSLVTCAKFQCLEPIEGKVVQYENLKYTVIITVHTGDQHQVGNETQGVTA
EITPQASTTEAILPEYGTLGLECSPRTGLDFNEMILLTMKNKAWMVHRQWFFDLPLPWASGATTETPTWNRKELLVTFKN
AHAKKQEVVVLGSQEGAMHTALTGATEIQNSGGTSIFAGHLKCRLKMDKLELKGMSYAMCTNTFVLKKEVSETQHGTILI
KVEYKGEDAPCKIPFSTEDGQGKAHNGRLITANPVVTKKEEPVNIEAEPPFGESNIVIGIGDNALKINWYKKGSSIGKMF
EATARGARRMAILGDTAWDFGSVGGVLNSLGKMVHQIFGSAYTALFSGVSWVMKIGIGVLLTWIGLNSKNTSMSFSCIAI
GIITLYLGAVVQA
;
A,C,E
2 'polypeptide(L)' SVALAPHVGMGLDTRTQTWMSAEGAWRQVEKVETWALRHPGFTILALFLAHYIGTSLTQKVVIFILLMLVTPSMT B,D,F
#
# COMPACT_ATOMS: atom_id res chain seq x y z
CA MET A 1 32.01 -40.51 -35.89
CA ARG A 2 33.33 -37.66 -33.71
CA CYS A 3 31.66 -39.12 -30.74
CA VAL A 4 34.24 -41.15 -28.95
CA GLY A 5 34.24 -41.43 -25.20
CA VAL A 6 31.25 -39.23 -24.52
CA GLY A 7 28.98 -41.95 -23.02
CA ASN A 8 25.88 -39.92 -23.78
CA ARG A 9 24.49 -40.57 -27.17
CA ASP A 10 21.28 -41.95 -28.74
CA PHE A 11 20.35 -43.13 -32.23
CA VAL A 12 17.77 -41.84 -34.77
CA GLU A 13 17.29 -44.63 -37.18
CA GLY A 14 15.79 -43.67 -40.55
CA LEU A 15 14.07 -40.94 -42.60
CA SER A 16 10.54 -41.58 -41.11
CA GLY A 17 7.76 -39.20 -42.38
CA ALA A 18 9.65 -38.89 -45.76
CA THR A 19 12.81 -36.99 -44.54
CA TRP A 20 10.92 -35.27 -41.76
CA VAL A 21 13.09 -36.25 -38.71
CA ASP A 22 12.47 -34.28 -35.45
CA VAL A 23 15.45 -33.92 -33.11
CA VAL A 24 16.56 -32.21 -29.76
CA LEU A 25 20.05 -31.34 -28.45
CA GLU A 26 21.40 -29.62 -25.22
CA HIS A 27 25.05 -30.81 -25.18
CA GLY A 28 24.61 -33.91 -22.96
CA GLY A 29 26.21 -35.56 -25.86
CA CYS A 30 26.18 -36.33 -29.62
CA VAL A 31 22.97 -37.36 -31.53
CA THR A 32 23.62 -39.89 -34.29
CA THR A 33 21.21 -40.48 -37.08
CA MET A 34 21.03 -43.21 -39.84
CA ALA A 35 19.34 -42.80 -43.27
CA LYS A 36 18.62 -45.36 -46.18
CA ASN A 37 20.91 -44.78 -49.22
CA LYS A 38 21.89 -41.39 -47.68
CA PRO A 39 24.91 -40.45 -45.55
CA THR A 40 25.28 -40.90 -41.74
CA LEU A 41 25.85 -38.10 -39.25
CA ASP A 42 26.95 -37.32 -35.62
CA ILE A 43 25.50 -34.08 -34.47
CA GLU A 44 26.87 -32.16 -31.44
CA LEU A 45 25.23 -28.88 -30.36
CA GLN A 46 27.88 -27.16 -28.21
CA LYS A 47 28.67 -23.61 -27.01
CA THR A 48 26.21 -20.57 -27.72
CA GLU A 49 27.26 -16.94 -27.51
CA ALA A 50 25.52 -14.09 -25.60
CA THR A 51 25.81 -10.65 -27.33
CA GLN A 52 24.77 -7.07 -26.24
CA LEU A 53 24.52 -7.63 -22.59
CA ALA A 54 21.96 -5.40 -20.78
CA THR A 55 22.59 -4.76 -17.11
CA LEU A 56 19.33 -5.22 -14.96
CA ARG A 57 19.76 -4.83 -11.20
CA LYS A 58 23.13 -4.53 -9.57
CA LEU A 59 23.97 -6.16 -6.19
CA CYS A 60 27.29 -5.97 -4.24
CA ILE A 61 29.44 -8.55 -2.52
CA GLU A 62 32.01 -6.26 -0.78
CA GLY A 63 31.02 -3.08 1.13
CA LYS A 64 32.33 -0.13 3.04
CA ILE A 65 31.31 2.69 5.29
CA THR A 66 32.87 6.39 5.34
CA ASN A 67 31.96 9.72 7.16
CA ILE A 68 30.02 8.02 9.99
CA THR A 69 27.90 9.97 12.45
CA THR A 70 25.05 9.30 14.97
CA ASP A 71 22.90 11.31 17.43
CA SER A 72 20.06 11.11 20.03
CA ARG A 73 17.67 13.55 21.72
CA CYS A 74 16.70 13.50 25.41
CA PRO A 75 15.14 10.22 26.79
CA THR A 76 11.30 9.66 26.31
CA GLN A 77 10.36 13.28 25.51
CA GLY A 78 12.84 13.52 22.51
CA GLU A 79 13.23 11.28 19.46
CA ALA A 80 16.52 10.84 17.73
CA VAL A 81 16.03 12.57 14.36
CA LEU A 82 19.23 12.88 12.29
CA PRO A 83 19.48 15.24 9.16
CA GLU A 84 21.81 13.10 6.92
CA GLU A 85 19.11 10.27 6.71
CA GLN A 86 18.05 12.54 3.78
CA ASP A 87 20.65 11.26 1.26
CA GLN A 88 20.34 7.63 0.05
CA ASN A 89 24.15 7.32 0.21
CA TYR A 90 23.79 6.64 3.90
CA VAL A 91 22.79 3.39 5.55
CA CYS A 92 21.11 4.21 8.92
CA LYS A 93 19.26 2.55 11.79
CA HIS A 94 16.69 3.52 14.52
CA THR A 95 17.46 2.04 18.04
CA TYR A 96 16.47 2.38 21.74
CA VAL A 97 19.06 3.25 24.56
CA ASP A 98 18.45 4.03 28.25
CA ARG A 99 21.15 6.63 28.49
CA GLY A 100 21.15 9.23 31.22
CA TRP A 101 22.54 12.21 33.08
CA GLY A 102 26.30 12.58 32.42
CA ASN A 103 25.83 11.27 28.86
CA GLY A 104 24.73 14.91 27.89
CA CYS A 105 20.96 14.69 28.28
CA GLY A 106 20.29 15.00 32.03
CA LEU A 107 17.15 12.93 32.18
CA PHE A 108 17.74 9.17 32.75
CA GLY A 109 15.55 6.71 30.81
CA LYS A 110 14.19 4.90 27.78
CA GLY A 111 15.17 7.02 24.68
CA SER A 112 16.19 6.63 21.08
CA LEU A 113 19.45 6.55 18.98
CA VAL A 114 20.21 6.40 15.33
CA THR A 115 23.40 5.58 13.45
CA CYS A 116 24.56 7.07 10.24
CA ALA A 117 27.26 5.72 7.97
CA LYS A 118 27.92 6.77 4.38
CA PHE A 119 27.69 3.53 2.46
CA GLN A 120 30.05 2.75 -0.51
CA CYS A 121 29.74 -0.42 -2.58
CA LEU A 122 32.88 -2.38 -3.52
CA GLU A 123 32.93 -4.96 -6.39
CA PRO A 124 29.27 -5.37 -7.40
CA ILE A 125 27.31 -8.20 -9.30
CA GLU A 126 25.17 -7.49 -12.37
CA GLY A 127 22.24 -9.24 -14.22
CA LYS A 128 23.51 -8.85 -17.82
CA VAL A 129 20.34 -10.28 -19.51
CA VAL A 130 20.05 -10.94 -23.16
CA GLN A 131 17.42 -11.93 -25.70
CA TYR A 132 16.05 -14.25 -27.71
CA GLU A 133 17.20 -12.68 -30.93
CA ASN A 134 20.79 -12.04 -29.93
CA LEU A 135 21.80 -15.56 -28.71
CA LYS A 136 23.78 -17.36 -31.27
CA TYR A 137 24.08 -21.25 -31.06
CA THR A 138 26.63 -23.55 -32.66
CA VAL A 139 26.02 -26.96 -34.18
CA ILE A 140 28.64 -29.29 -35.53
CA ILE A 141 27.41 -32.01 -37.93
CA THR A 142 30.14 -34.43 -38.86
CA VAL A 143 29.30 -36.89 -41.73
CA HIS A 144 30.84 -40.40 -41.18
CA THR A 145 33.03 -39.85 -44.33
CA GLY A 146 35.53 -41.58 -42.13
CA ASP A 147 38.76 -39.59 -42.43
CA GLN A 148 41.76 -40.47 -40.09
CA HIS A 149 41.85 -36.92 -38.58
CA GLN A 150 38.01 -36.48 -38.82
CA VAL A 151 36.73 -39.38 -36.74
CA GLY A 152 38.51 -38.91 -33.38
CA ASN A 153 38.90 -35.03 -33.21
CA GLU A 154 36.24 -32.71 -31.90
CA THR A 155 37.60 -29.88 -34.06
CA GLN A 156 36.36 -31.59 -37.24
CA GLY A 157 33.06 -31.77 -39.08
CA VAL A 158 30.58 -29.16 -40.62
CA THR A 159 29.75 -26.04 -38.61
CA ALA A 160 26.39 -24.33 -38.45
CA GLU A 161 26.34 -21.29 -36.24
CA ILE A 162 22.66 -20.15 -35.77
CA THR A 163 20.72 -16.92 -34.92
CA PRO A 164 16.91 -16.89 -34.10
CA GLN A 165 16.51 -14.59 -37.12
CA ALA A 166 17.49 -17.49 -39.39
CA SER A 167 15.71 -20.21 -37.28
CA THR A 168 15.60 -22.10 -40.60
CA THR A 169 19.20 -22.37 -41.84
CA GLU A 170 20.74 -24.40 -44.66
CA ALA A 171 23.58 -26.76 -43.87
CA ILE A 172 25.84 -26.86 -47.01
CA LEU A 173 27.98 -30.06 -46.92
CA PRO A 174 30.94 -30.33 -49.42
CA GLU A 175 30.38 -33.51 -51.50
CA TYR A 176 27.23 -34.48 -49.74
CA GLY A 177 24.52 -31.90 -50.51
CA THR A 178 22.86 -29.15 -48.40
CA LEU A 179 20.82 -30.22 -45.33
CA GLY A 180 17.82 -28.44 -44.08
CA LEU A 181 17.42 -27.65 -40.37
CA GLU A 182 14.22 -26.00 -39.11
CA CYS A 183 14.91 -24.95 -35.54
CA SER A 184 13.13 -23.77 -32.59
CA PRO A 185 15.79 -21.66 -30.75
CA ARG A 186 13.15 -19.69 -28.79
CA THR A 187 12.57 -22.51 -26.19
CA GLY A 188 14.37 -23.93 -23.13
CA LEU A 189 16.65 -20.87 -22.94
CA ASP A 190 13.59 -18.97 -21.48
CA PHE A 191 15.18 -15.55 -21.00
CA ASN A 192 13.71 -13.03 -18.83
CA GLU A 193 12.65 -16.04 -16.58
CA MET A 194 16.31 -16.96 -16.20
CA ILE A 195 18.89 -14.45 -15.17
CA LEU A 196 22.56 -14.56 -16.53
CA LEU A 197 24.49 -12.74 -13.72
CA THR A 198 28.10 -11.71 -13.17
CA MET A 199 30.90 -12.31 -10.69
CA LYS A 200 34.76 -11.70 -11.11
CA ASN A 201 35.73 -13.40 -14.33
CA LYS A 202 32.59 -15.68 -14.31
CA ALA A 203 28.86 -15.81 -14.86
CA TRP A 204 25.77 -18.05 -14.14
CA MET A 205 22.03 -18.13 -14.95
CA VAL A 206 19.40 -18.12 -12.08
CA HIS A 207 15.58 -18.14 -11.95
CA ARG A 208 14.35 -14.46 -11.96
CA GLN A 209 12.34 -14.50 -8.69
CA TRP A 210 15.22 -16.15 -6.81
CA PHE A 211 17.32 -13.21 -8.11
CA PHE A 212 14.72 -10.82 -6.96
CA ASP A 213 14.09 -12.44 -3.47
CA LEU A 214 17.78 -12.27 -2.62
CA PRO A 215 18.56 -10.57 0.76
CA LEU A 216 21.45 -8.35 -0.36
CA PRO A 217 21.17 -4.61 -1.19
CA TRP A 218 20.38 -3.80 -4.83
CA ALA A 219 20.80 -1.13 -7.42
CA SER A 220 19.67 -0.34 -11.09
CA GLY A 221 22.36 -2.17 -13.09
CA ALA A 222 22.33 0.74 -15.52
CA THR A 223 23.97 3.01 -12.77
CA THR A 224 26.87 4.44 -14.95
CA GLU A 225 28.98 5.99 -12.27
CA THR A 226 26.10 6.63 -9.70
CA PRO A 227 24.76 3.77 -7.65
CA THR A 228 21.69 4.14 -5.25
CA TRP A 229 20.79 1.23 -2.91
CA ASN A 230 17.37 -0.50 -2.30
CA ARG A 231 17.09 -2.21 1.15
CA LYS A 232 20.58 -1.05 2.34
CA GLU A 233 20.16 -2.76 5.91
CA LEU A 234 20.77 -6.15 4.23
CA LEU A 235 24.59 -5.70 4.62
CA VAL A 236 26.37 -4.08 7.58
CA THR A 237 25.70 -5.15 11.19
CA PHE A 238 24.82 -3.03 14.19
CA LYS A 239 26.77 -3.82 17.31
CA ASN A 240 25.43 -2.93 20.73
CA ALA A 241 26.93 -3.06 24.26
CA HIS A 242 23.50 -2.45 25.81
CA ALA A 243 23.46 1.18 27.20
CA LYS A 244 26.90 1.78 25.77
CA LYS A 245 27.88 3.06 22.03
CA GLN A 246 25.72 1.30 19.44
CA GLU A 247 28.05 1.14 16.39
CA VAL A 248 28.16 -0.10 12.88
CA VAL A 249 30.62 -2.58 11.30
CA VAL A 250 30.71 -3.38 7.49
CA LEU A 251 29.71 -7.12 7.59
CA GLY A 252 32.03 -9.35 5.62
CA SER A 253 32.01 -9.77 1.72
CA GLN A 254 29.22 -12.27 0.64
CA GLU A 255 31.33 -13.89 -2.20
CA GLY A 256 31.40 -17.21 -0.07
CA ALA A 257 27.74 -17.49 0.67
CA MET A 258 26.82 -16.05 -2.76
CA HIS A 259 28.58 -18.90 -4.71
CA THR A 260 27.33 -21.52 -2.23
CA ALA A 261 23.65 -20.55 -2.47
CA LEU A 262 23.93 -20.64 -6.28
CA THR A 263 24.97 -24.50 -6.23
CA GLY A 264 22.17 -25.72 -8.54
CA ALA A 265 22.92 -23.14 -11.27
CA THR A 266 24.63 -23.60 -14.77
CA GLU A 267 27.84 -21.63 -15.66
CA ILE A 268 28.25 -18.96 -18.44
CA GLN A 269 31.85 -18.36 -19.48
CA ASN A 270 32.30 -14.57 -19.01
CA SER A 271 35.88 -14.91 -20.02
CA GLY A 272 34.66 -17.26 -22.93
CA GLY A 273 33.14 -14.18 -24.57
CA THR A 274 29.89 -14.31 -22.46
CA SER A 275 29.05 -17.76 -23.84
CA ILE A 276 27.15 -20.85 -22.55
CA PHE A 277 28.49 -24.48 -22.43
CA ALA A 278 25.36 -25.92 -23.57
CA GLY A 279 21.63 -24.81 -23.78
CA HIS A 280 18.52 -26.33 -25.39
CA LEU A 281 18.07 -26.59 -29.18
CA LYS A 282 15.68 -28.64 -31.20
CA CYS A 283 14.53 -28.61 -34.85
CA ARG A 284 13.23 -30.78 -37.72
CA LEU A 285 16.05 -32.37 -39.71
CA LYS A 286 15.27 -32.38 -43.48
CA MET A 287 17.76 -34.82 -45.19
CA ASP A 288 16.07 -34.61 -48.75
CA LYS A 289 18.81 -32.58 -50.27
CA LEU A 290 21.72 -34.67 -48.76
CA GLU A 291 23.42 -37.35 -50.93
CA LEU A 292 25.46 -40.40 -50.03
CA LYS A 293 28.57 -39.57 -52.14
CA GLY A 294 30.09 -41.84 -54.87
CA MET A 295 27.27 -43.87 -56.11
CA SER A 296 28.81 -44.16 -59.61
CA TYR A 297 32.26 -45.45 -58.47
CA ALA A 298 33.43 -49.16 -58.37
CA MET A 299 34.11 -51.58 -55.52
CA CYS A 300 37.67 -52.24 -54.41
CA THR A 301 39.73 -55.04 -55.91
CA ASN A 302 43.17 -55.05 -54.19
CA THR A 303 45.25 -55.50 -50.93
CA PHE A 304 43.37 -54.56 -47.79
CA VAL A 305 44.90 -54.53 -44.29
CA LEU A 306 44.18 -53.24 -40.70
CA LYS A 307 45.69 -50.13 -39.20
CA LYS A 308 44.84 -50.30 -35.51
CA GLU A 309 42.94 -52.76 -33.38
CA VAL A 310 39.23 -52.92 -32.57
CA SER A 311 37.45 -50.38 -30.20
CA GLU A 312 33.89 -49.17 -29.48
CA THR A 313 32.37 -46.42 -27.32
CA GLN A 314 28.66 -46.87 -26.39
CA HIS A 315 28.46 -50.62 -25.36
CA GLY A 316 28.25 -51.66 -29.01
CA THR A 317 29.01 -48.95 -31.51
CA ILE A 318 32.27 -50.45 -32.87
CA LEU A 319 35.09 -48.48 -34.44
CA ILE A 320 37.73 -49.81 -36.72
CA LYS A 321 40.56 -48.26 -38.82
CA VAL A 322 41.88 -50.26 -41.72
CA GLU A 323 44.20 -49.86 -44.65
CA TYR A 324 43.98 -50.31 -48.38
CA LYS A 325 46.37 -49.76 -51.27
CA GLY A 326 47.27 -50.90 -54.81
CA GLU A 327 44.18 -49.33 -56.48
CA ASP A 328 43.63 -45.77 -57.85
CA ALA A 329 40.54 -43.53 -58.02
CA PRO A 330 37.56 -43.55 -55.52
CA CYS A 331 37.13 -47.20 -54.41
CA LYS A 332 34.11 -48.46 -52.41
CA ILE A 333 34.79 -50.70 -49.33
CA PRO A 334 32.34 -53.62 -49.02
CA PHE A 335 31.31 -54.67 -45.53
CA SER A 336 28.86 -56.74 -43.42
CA THR A 337 28.10 -57.65 -39.82
CA GLU A 338 27.16 -61.34 -39.42
CA ASP A 339 26.03 -63.78 -36.72
CA GLY A 340 27.86 -65.91 -34.07
CA GLN A 341 29.30 -69.15 -35.60
CA GLY A 342 27.47 -68.84 -38.89
CA LYS A 343 27.28 -66.26 -41.73
CA ALA A 344 23.85 -64.48 -41.61
CA HIS A 345 23.94 -60.73 -42.57
CA ASN A 346 22.18 -58.19 -40.34
CA GLY A 347 22.32 -54.52 -41.64
CA ARG A 348 24.12 -52.87 -38.77
CA LEU A 349 26.50 -50.47 -40.51
CA ILE A 350 26.59 -46.82 -39.32
CA THR A 351 29.16 -45.77 -42.08
CA ALA A 352 26.98 -45.44 -45.17
CA ASN A 353 29.38 -46.46 -48.14
CA PRO A 354 33.01 -46.00 -47.01
CA VAL A 355 35.17 -44.72 -50.00
CA VAL A 356 38.92 -44.43 -50.04
CA THR A 357 40.05 -41.93 -52.47
CA LYS A 358 43.74 -41.01 -52.00
CA LYS A 359 45.53 -44.47 -51.37
CA GLU A 360 47.09 -43.28 -48.00
CA GLU A 361 43.81 -42.93 -46.20
CA PRO A 362 43.33 -45.60 -43.52
CA VAL A 363 39.68 -44.33 -42.82
CA ASN A 364 37.38 -45.63 -40.11
CA ILE A 365 34.21 -47.78 -40.08
CA GLU A 366 31.44 -47.59 -37.37
CA ALA A 367 28.78 -50.41 -36.80
CA GLU A 368 26.86 -52.07 -33.95
CA PRO A 369 27.66 -55.91 -33.72
CA PRO A 370 24.97 -58.32 -32.24
CA PHE A 371 24.73 -59.49 -28.64
CA GLY A 372 27.64 -61.94 -28.05
CA GLU A 373 30.14 -63.43 -30.57
CA SER A 374 30.10 -61.86 -34.05
CA ASN A 375 31.78 -61.98 -37.44
CA ILE A 376 32.56 -58.71 -39.20
CA VAL A 377 33.48 -59.25 -42.95
CA ILE A 378 35.00 -56.66 -45.28
CA GLY A 379 34.62 -59.10 -48.20
CA ILE A 380 37.00 -57.80 -50.96
CA GLY A 381 37.45 -61.49 -52.11
CA ASP A 382 37.99 -64.92 -50.64
CA ASN A 383 39.58 -64.84 -47.25
CA ALA A 384 40.85 -61.26 -47.99
CA LEU A 385 39.93 -59.59 -44.69
CA LYS A 386 37.66 -61.14 -42.09
CA ILE A 387 37.14 -60.03 -38.34
CA ASN A 388 35.67 -61.91 -35.47
CA TRP A 389 34.78 -59.83 -32.46
CA TYR A 390 32.98 -60.62 -29.17
CA LYS A 391 30.61 -58.32 -27.36
CA LYS A 392 29.61 -59.08 -23.78
CA GLY A 393 26.36 -57.53 -24.49
CA SER A 394 23.18 -59.65 -24.35
CA SER A 395 20.00 -58.81 -26.24
CA ILE A 396 17.97 -58.00 -23.06
CA GLY A 397 20.37 -55.44 -21.50
CA LYS A 398 20.15 -53.50 -24.80
CA MET A 399 16.30 -53.04 -24.01
CA PHE A 400 17.05 -51.81 -20.50
CA GLU A 401 19.98 -49.61 -21.70
CA ALA A 402 18.28 -47.90 -24.67
CA THR A 403 15.20 -47.42 -22.40
CA ALA A 404 17.43 -45.77 -19.75
CA ARG A 405 18.79 -43.37 -22.45
CA GLY A 406 15.38 -42.14 -23.30
CA ALA A 407 14.03 -42.04 -19.75
CA ARG A 408 16.97 -39.80 -18.73
CA ARG A 409 15.97 -37.18 -21.35
CA MET A 410 12.26 -37.35 -20.10
CA ALA A 411 13.67 -36.70 -16.62
CA ILE A 412 15.98 -33.91 -17.93
CA LEU A 413 14.02 -32.22 -20.75
CA GLY A 414 10.53 -33.15 -19.62
CA ASP A 415 7.67 -32.42 -22.06
CA THR A 416 9.61 -31.20 -25.00
CA ALA A 417 11.65 -34.54 -24.87
CA TRP A 418 8.78 -36.11 -26.83
CA ASP A 419 9.74 -33.76 -29.80
CA PHE A 420 12.43 -36.39 -30.58
CA GLY A 421 10.07 -38.71 -32.55
CA SER A 422 9.82 -37.97 -36.23
CA VAL A 423 6.22 -36.98 -37.15
CA GLY A 424 5.11 -37.72 -33.55
CA GLY A 425 1.41 -36.56 -33.74
CA VAL A 426 -1.34 -38.12 -31.70
CA LEU A 427 0.87 -40.81 -30.33
CA ASN A 428 3.48 -38.56 -28.71
CA SER A 429 1.02 -35.57 -28.26
CA LEU A 430 -1.20 -37.19 -25.53
CA GLY A 431 1.99 -38.19 -23.95
CA LYS A 432 3.76 -34.80 -24.05
CA MET A 433 0.80 -32.75 -22.90
CA VAL A 434 0.02 -35.20 -20.06
CA HIS A 435 3.73 -35.13 -18.94
CA GLN A 436 3.70 -31.34 -19.42
CA ILE A 437 0.69 -31.21 -17.04
CA PHE A 438 2.49 -33.56 -14.50
CA GLY A 439 5.91 -31.89 -14.76
CA SER A 440 4.54 -28.38 -14.21
CA ALA A 441 1.75 -28.91 -11.77
CA TYR A 442 2.02 -31.79 -9.31
CA THR A 443 5.78 -32.54 -9.33
CA ALA A 444 6.66 -28.85 -9.60
CA LEU A 445 4.19 -26.98 -7.46
CA PHE A 446 7.29 -26.56 -5.46
CA SER A 447 10.84 -25.44 -6.49
CA GLY A 448 14.09 -25.14 -4.40
CA VAL A 449 14.25 -28.71 -3.34
CA SER A 450 17.53 -30.40 -2.90
CA TRP A 451 18.54 -33.88 -4.03
CA VAL A 452 17.99 -35.20 -0.51
CA MET A 453 14.81 -33.31 0.09
CA LYS A 454 13.04 -34.38 -3.20
CA ILE A 455 13.75 -38.05 -2.39
CA GLY A 456 12.82 -37.51 1.26
CA ILE A 457 9.29 -36.05 0.55
CA GLY A 458 8.95 -38.67 -2.28
CA VAL A 459 9.54 -41.57 0.20
CA LEU A 460 6.90 -40.21 2.58
CA LEU A 461 4.56 -39.85 -0.28
CA THR A 462 5.09 -43.41 -1.62
CA TRP A 463 4.46 -44.65 1.96
CA ILE A 464 1.14 -42.72 2.43
CA GLY A 465 -0.31 -44.72 -0.55
CA LEU A 466 1.05 -48.32 -0.37
CA ASN A 467 0.09 -48.89 3.50
CA SER A 468 -3.46 -47.30 3.38
CA LYS A 469 -6.86 -48.99 2.86
CA ASN A 470 -8.59 -50.16 -0.38
CA THR A 471 -9.18 -48.32 -3.81
CA SER A 472 -7.55 -44.91 -2.88
CA MET A 473 -3.91 -46.35 -3.02
CA SER A 474 -4.13 -46.82 -6.82
CA PHE A 475 -3.57 -43.17 -7.80
CA SER A 476 -0.52 -43.04 -5.43
CA CYS A 477 0.95 -46.28 -6.83
CA ILE A 478 0.56 -45.15 -10.46
CA ALA A 479 1.96 -41.57 -10.37
CA ILE A 480 3.71 -40.99 -7.00
CA GLY A 481 5.45 -44.31 -6.56
CA ILE A 482 8.82 -44.91 -8.18
CA ILE A 483 8.58 -41.71 -10.37
CA THR A 484 9.28 -39.09 -7.62
CA LEU A 485 12.34 -41.18 -6.44
CA TYR A 486 13.25 -41.30 -10.22
CA LEU A 487 13.13 -37.52 -10.58
CA GLY A 488 14.78 -37.13 -7.14
CA ALA A 489 17.81 -39.35 -7.65
CA VAL A 490 18.64 -38.01 -11.10
CA VAL A 491 18.22 -34.24 -10.29
CA GLN A 492 21.10 -32.03 -8.98
CA ALA A 493 23.95 -33.66 -10.93
CA SER B 1 18.37 -16.50 -0.05
CA VAL B 2 21.94 -15.29 0.98
CA ALA B 3 22.99 -18.89 1.85
CA LEU B 4 19.69 -20.52 3.11
CA ALA B 5 17.13 -21.46 0.47
CA PRO B 6 19.72 -22.53 -2.10
CA HIS B 7 19.26 -22.29 -5.89
CA VAL B 8 18.74 -26.12 -6.37
CA GLY B 9 15.63 -27.59 -8.12
CA MET B 10 14.83 -24.57 -10.37
CA GLY B 11 13.97 -26.08 -13.84
CA LEU B 12 17.44 -25.47 -15.14
CA ASP B 13 17.78 -29.22 -15.60
CA THR B 14 20.30 -30.36 -18.29
CA ARG B 15 22.13 -33.51 -19.06
CA THR B 16 25.24 -31.78 -17.30
CA GLN B 17 26.40 -31.24 -13.79
CA THR B 18 25.21 -28.45 -11.46
CA TRP B 19 27.61 -25.78 -10.28
CA MET B 20 28.54 -27.51 -6.97
CA SER B 21 27.04 -30.91 -7.83
CA ALA B 22 28.05 -33.57 -5.23
CA GLU B 23 29.59 -31.16 -2.67
CA GLY B 24 26.46 -28.97 -3.06
CA ALA B 25 24.13 -31.98 -2.61
CA TRP B 26 25.70 -33.71 0.41
CA ARG B 27 26.35 -30.54 2.50
CA GLN B 28 22.50 -30.70 2.99
CA VAL B 29 22.95 -33.92 5.19
CA GLU B 30 25.76 -32.09 7.14
CA LYS B 31 23.59 -30.35 9.77
CA VAL B 32 21.52 -33.50 10.26
CA GLU B 33 24.89 -35.12 11.26
CA THR B 34 25.77 -32.07 13.62
CA TRP B 35 22.46 -32.34 15.44
CA ALA B 36 22.21 -36.16 15.71
CA LEU B 37 25.85 -36.32 16.93
CA ARG B 38 26.52 -33.28 18.92
CA HIS B 39 23.02 -32.46 20.29
CA PRO B 40 21.73 -36.00 21.38
CA GLY B 41 19.02 -34.93 24.10
CA PHE B 42 16.32 -33.53 21.62
CA THR B 43 16.42 -36.85 19.72
CA ILE B 44 15.08 -38.59 22.93
CA LEU B 45 12.44 -35.92 23.67
CA ALA B 46 11.43 -35.70 19.95
CA LEU B 47 10.81 -39.47 19.66
CA PHE B 48 8.80 -39.44 22.96
CA LEU B 49 6.65 -36.37 22.09
CA ALA B 50 6.30 -38.22 18.69
CA HIS B 51 5.33 -41.61 20.24
CA TYR B 52 2.32 -40.33 22.40
CA ILE B 53 0.97 -37.53 20.10
CA GLY B 54 -1.95 -38.86 17.91
CA THR B 55 -0.76 -42.53 18.34
CA SER B 56 -0.68 -44.90 15.35
CA LEU B 57 2.22 -46.94 13.72
CA THR B 58 3.58 -45.08 10.54
CA GLN B 59 2.71 -41.72 12.32
CA LYS B 60 5.32 -41.70 15.11
CA VAL B 61 8.23 -42.72 12.80
CA VAL B 62 7.05 -40.03 10.19
CA ILE B 63 6.81 -37.20 12.79
CA PHE B 64 10.11 -38.20 14.42
CA ILE B 65 11.91 -38.22 11.00
CA LEU B 66 10.02 -35.02 10.37
CA LEU B 67 11.21 -33.09 13.55
CA MET B 68 14.76 -34.25 13.11
CA LEU B 69 14.83 -33.12 9.38
CA VAL B 70 13.09 -29.78 10.44
CA THR B 71 16.15 -28.46 12.59
CA PRO B 72 16.44 -24.87 11.47
CA MET C 1 -14.37 38.85 46.94
CA ARG C 2 -13.84 39.85 43.29
CA CYS C 3 -14.89 36.20 42.39
CA VAL C 4 -18.63 36.84 41.69
CA GLY C 5 -19.72 35.49 38.37
CA VAL C 6 -17.30 32.66 38.02
CA GLY C 7 -19.87 29.90 37.44
CA ASN C 8 -17.80 27.72 39.68
CA ARG C 9 -16.86 28.63 43.28
CA ASP C 10 -17.41 27.26 46.84
CA PHE C 11 -16.73 28.09 50.59
CA VAL C 12 -14.20 26.06 52.56
CA GLU C 13 -14.81 26.23 56.37
CA GLY C 14 -12.86 25.10 59.57
CA LEU C 15 -9.15 24.98 60.36
CA SER C 16 -8.90 21.20 59.83
CA GLY C 17 -7.85 20.58 63.43
CA ALA C 18 -4.34 22.19 62.78
CA THR C 19 -4.32 24.99 60.05
CA TRP C 20 -4.13 22.23 57.49
CA VAL C 21 -6.37 23.17 54.53
CA ASP C 22 -6.10 21.00 51.34
CA VAL C 23 -6.72 22.73 47.97
CA VAL C 24 -6.60 22.32 44.14
CA LEU C 25 -6.73 25.28 41.67
CA GLU C 26 -7.48 25.29 37.97
CA HIS C 27 -8.35 28.99 36.90
CA GLY C 28 -11.87 28.01 35.57
CA GLY C 29 -13.10 28.60 39.24
CA CYS C 30 -12.25 30.12 42.63
CA VAL C 31 -11.79 28.52 46.04
CA THR C 32 -12.86 30.64 48.98
CA THR C 33 -12.02 29.93 52.67
CA MET C 34 -13.66 31.04 55.90
CA ALA C 35 -11.48 30.54 58.88
CA LYS C 36 -11.90 30.40 62.61
CA ASN C 37 -10.41 33.76 63.88
CA LYS C 38 -8.39 34.17 60.74
CA PRO C 39 -9.38 36.25 57.60
CA THR C 40 -11.88 35.13 54.96
CA LEU C 41 -9.88 34.65 51.74
CA ASP C 42 -10.63 34.28 47.95
CA ILE C 43 -7.92 32.35 45.95
CA GLU C 44 -7.73 32.75 42.16
CA LEU C 45 -5.02 30.85 40.12
CA GLN C 46 -4.49 32.59 36.84
CA LYS C 47 -1.92 32.72 33.98
CA THR C 48 0.82 30.08 33.90
CA GLU C 49 3.88 30.85 31.68
CA ALA C 50 7.04 29.20 30.40
CA THR C 51 10.43 30.91 29.64
CA GLN C 52 13.07 29.22 27.61
CA LEU C 53 11.21 26.17 26.64
CA ALA C 54 12.96 23.57 24.52
CA THR C 55 12.12 23.22 20.80
CA LEU C 56 11.89 19.79 19.04
CA ARG C 57 10.58 17.80 15.95
CA LYS C 58 9.48 20.71 13.68
CA LEU C 59 7.04 19.98 10.73
CA CYS C 60 5.57 22.02 7.86
CA ILE C 61 2.09 22.77 6.84
CA GLU C 62 2.35 24.20 3.33
CA GLY C 63 4.64 22.68 0.60
CA LYS C 64 5.84 23.20 -2.90
CA ILE C 65 8.07 21.23 -5.33
CA THR C 66 10.41 22.83 -7.93
CA ASN C 67 12.57 21.83 -10.84
CA ILE C 68 10.85 18.41 -11.34
CA THR C 69 12.17 15.61 -13.54
CA THR C 70 11.93 11.90 -14.68
CA ASP C 71 13.55 9.32 -16.88
CA SER C 72 12.86 5.66 -17.74
CA ARG C 73 14.57 2.57 -18.89
CA CYS C 74 14.02 -0.07 -21.57
CA PRO C 75 11.11 -2.61 -21.56
CA THR C 76 12.28 -5.50 -19.31
CA GLN C 77 15.98 -4.58 -18.96
CA GLY C 78 17.42 -1.88 -16.72
CA GLU C 79 15.40 -0.50 -13.85
CA ALA C 80 14.85 3.23 -13.55
CA VAL C 81 16.83 5.30 -11.00
CA LEU C 82 17.62 8.90 -11.79
CA PRO C 83 21.13 10.06 -10.72
CA GLU C 84 20.13 12.84 -8.28
CA GLU C 85 18.30 10.26 -6.05
CA GLN C 86 21.88 9.80 -4.57
CA ASP C 87 21.73 13.05 -2.59
CA GLN C 88 17.98 12.70 -2.06
CA ASN C 89 16.77 16.27 -1.19
CA TYR C 90 14.23 15.43 -3.75
CA VAL C 91 10.99 13.40 -3.18
CA CYS C 92 10.85 10.70 -5.76
CA LYS C 93 8.98 7.66 -7.06
CA HIS C 94 9.52 4.41 -8.98
CA THR C 95 6.63 2.99 -11.17
CA TYR C 96 6.36 0.43 -13.92
CA VAL C 97 5.12 1.59 -17.34
CA ASP C 98 3.98 -0.37 -20.36
CA ARG C 99 5.60 1.21 -23.43
CA GLY C 100 7.26 0.59 -26.78
CA TRP C 101 7.66 1.81 -30.34
CA GLY C 102 4.95 4.44 -29.37
CA ASN C 103 7.53 5.81 -26.90
CA GLY C 104 10.48 5.33 -29.31
CA CYS C 105 11.74 2.05 -27.64
CA GLY C 106 14.19 -0.45 -29.17
CA LEU C 107 12.36 -3.35 -27.56
CA PHE C 108 8.51 -3.07 -26.54
CA GLY C 109 7.10 -4.61 -23.31
CA LYS C 110 6.93 -3.67 -19.53
CA GLY C 111 9.27 -0.64 -18.84
CA SER C 112 10.37 1.21 -15.68
CA LEU C 113 9.98 4.88 -14.91
CA VAL C 114 11.10 7.26 -12.11
CA THR C 115 9.92 10.78 -11.20
CA CYS C 116 11.93 13.32 -9.05
CA ALA C 117 10.86 16.58 -7.47
CA LYS C 118 12.96 19.04 -5.46
CA PHE C 119 11.04 19.69 -2.17
CA GLN C 120 10.51 23.10 -0.44
CA CYS C 121 8.61 23.79 2.87
CA LEU C 122 6.38 26.85 3.31
CA GLU C 123 5.47 27.92 6.87
CA PRO C 124 6.73 25.25 9.26
CA ILE C 125 5.52 24.71 12.83
CA GLU C 126 7.20 23.47 15.88
CA GLY C 127 6.84 21.18 18.96
CA LYS C 128 8.46 22.18 22.33
CA VAL C 129 8.46 20.90 25.82
CA VAL C 130 9.42 22.47 29.11
CA GLN C 131 11.46 21.31 32.05
CA TYR C 132 9.43 21.98 35.14
CA GLU C 133 12.18 24.46 36.28
CA ASN C 134 11.16 26.91 33.53
CA LEU C 135 7.34 26.77 33.98
CA LYS C 136 5.84 29.41 36.28
CA TYR C 137 2.32 29.28 37.84
CA THR C 138 0.63 32.39 39.19
CA VAL C 139 -1.49 32.34 42.31
CA ILE C 140 -3.34 35.49 43.48
CA ILE C 141 -4.59 35.48 47.08
CA THR C 142 -7.11 38.25 47.94
CA VAL C 143 -7.95 38.89 51.65
CA HIS C 144 -11.59 40.10 52.25
CA THR C 145 -10.37 43.64 53.05
CA GLY C 146 -13.23 45.23 51.07
CA ASP C 147 -11.16 47.99 49.31
CA GLN C 148 -12.32 49.97 46.27
CA HIS C 149 -9.23 49.13 44.12
CA GLN C 150 -9.31 45.60 45.43
CA VAL C 151 -12.75 44.68 44.00
CA GLY C 152 -12.51 47.36 41.19
CA ASN C 153 -8.91 46.47 39.86
CA GLU C 154 -8.50 42.77 39.29
CA THR C 155 -4.73 42.55 39.69
CA GLN C 156 -4.63 44.35 43.10
CA GLY C 157 -4.25 41.33 45.34
CA VAL C 158 -1.23 39.35 46.62
CA THR C 159 0.67 37.61 43.81
CA ALA C 160 2.56 34.29 44.34
CA GLU C 161 4.25 33.17 41.22
CA ILE C 162 5.71 29.71 41.97
CA THR C 163 7.92 27.70 39.75
CA PRO C 164 8.01 23.90 40.42
CA GLN C 165 11.76 24.11 41.47
CA ALA C 166 10.69 26.36 44.36
CA SER C 167 7.94 23.87 45.31
CA THR C 168 7.10 25.41 48.80
CA THR C 169 6.11 29.15 48.77
CA GLU C 170 5.82 31.77 51.55
CA ALA C 171 3.08 34.42 51.14
CA ILE C 172 3.74 37.44 53.35
CA LEU C 173 0.36 39.08 53.28
CA PRO C 174 0.56 42.68 54.62
CA GLU C 175 -0.97 43.27 58.10
CA TYR C 176 -2.21 39.66 58.07
CA GLY C 177 0.78 37.51 58.64
CA THR C 178 2.24 35.09 56.15
CA LEU C 179 0.44 32.15 54.43
CA GLY C 180 2.41 28.83 53.89
CA LEU C 181 1.98 27.01 50.57
CA GLU C 182 3.33 23.40 50.07
CA CYS C 183 2.58 22.84 46.42
CA SER C 184 2.55 19.80 44.28
CA PRO C 185 5.15 20.53 41.54
CA ARG C 186 4.40 17.27 39.66
CA THR C 187 0.75 17.34 38.80
CA GLY C 188 -1.51 19.00 36.19
CA LEU C 189 0.94 20.16 33.62
CA ASP C 190 2.68 16.81 32.99
CA PHE C 191 5.39 17.72 30.41
CA ASN C 192 7.01 14.75 28.94
CA GLU C 193 3.47 13.71 28.48
CA MET C 194 2.37 16.85 26.57
CA ILE C 195 4.00 18.58 23.59
CA LEU C 196 3.40 22.37 23.31
CA LEU C 197 3.17 22.94 19.56
CA THR C 198 2.60 26.13 17.59
CA MET C 199 1.32 27.69 14.30
CA LYS C 200 1.51 31.35 13.43
CA ASN C 201 1.50 33.26 16.84
CA LYS C 202 -0.54 30.72 18.84
CA ALA C 203 -0.03 27.27 20.34
CA TRP C 204 -1.74 24.14 21.80
CA MET C 205 -0.80 21.41 24.27
CA VAL C 206 -1.04 17.84 22.94
CA HIS C 207 -0.35 14.30 24.13
CA ARG C 208 2.94 12.62 23.12
CA GLN C 209 1.56 9.31 21.49
CA TRP C 210 -0.23 11.77 19.05
CA PHE C 211 2.73 14.21 18.44
CA PHE C 212 4.53 10.95 17.46
CA ASP C 213 1.82 9.89 14.95
CA LEU C 214 0.58 13.05 13.14
CA PRO C 215 1.61 12.86 9.43
CA LEU C 216 3.35 15.90 8.07
CA PRO C 217 7.04 15.88 6.81
CA TRP C 218 9.32 16.66 9.69
CA ALA C 219 12.85 17.63 10.95
CA SER C 220 14.68 17.28 14.38
CA GLY C 221 13.74 20.76 15.49
CA ALA C 222 17.25 22.18 15.86
CA THR C 223 17.31 22.52 12.02
CA THR C 224 17.97 26.02 10.55
CA GLU C 225 18.95 27.70 7.29
CA THR C 226 18.39 24.75 4.92
CA PRO C 227 16.02 22.53 6.94
CA THR C 228 15.95 18.97 5.70
CA TRP C 229 12.68 17.03 5.85
CA ASN C 230 12.14 13.43 6.76
CA ARG C 231 9.00 11.57 5.50
CA LYS C 232 8.29 13.83 2.52
CA GLU C 233 5.78 11.55 0.84
CA LEU C 234 3.26 12.55 3.49
CA LEU C 235 3.04 15.80 1.50
CA VAL C 236 2.70 15.68 -2.32
CA THR C 237 1.28 12.85 -4.48
CA PHE C 238 2.09 11.22 -7.85
CA LYS C 239 -0.49 10.92 -10.59
CA ASN C 240 -0.15 8.69 -13.69
CA ALA C 241 -2.34 9.15 -16.73
CA HIS C 242 -2.92 5.34 -16.92
CA ALA C 243 0.72 4.94 -17.76
CA LYS C 244 1.46 7.51 -20.52
CA LYS C 245 2.77 10.38 -18.22
CA GLN C 246 3.38 10.51 -14.47
CA GLU C 247 3.34 13.97 -12.88
CA VAL C 248 3.21 15.27 -9.30
CA VAL C 249 0.66 17.37 -7.32
CA VAL C 250 1.01 19.09 -3.95
CA LEU C 251 -1.98 17.89 -1.89
CA GLY C 252 -2.70 21.41 -0.57
CA SER C 253 -1.84 23.44 2.43
CA GLN C 254 -2.64 21.22 5.47
CA GLU C 255 -2.86 24.55 7.80
CA GLY C 256 -6.76 24.02 7.72
CA ALA C 257 -6.98 20.32 8.45
CA MET C 258 -4.15 20.74 10.97
CA HIS C 259 -5.89 23.40 13.12
CA THR C 260 -9.22 21.60 12.86
CA ALA C 261 -7.87 18.40 14.57
CA LEU C 262 -6.97 20.02 17.90
CA THR C 263 -10.75 19.77 18.61
CA GLY C 264 -10.67 19.24 22.39
CA ALA C 265 -7.17 20.57 23.07
CA THR C 266 -6.18 23.66 24.99
CA GLU C 267 -5.01 26.81 23.06
CA ILE C 268 -1.86 28.41 24.46
CA GLN C 269 -1.13 32.04 23.76
CA ASN C 270 2.24 32.68 22.18
CA SER C 271 1.31 36.30 21.17
CA GLY C 272 0.50 37.06 24.86
CA GLY C 273 3.77 35.61 26.25
CA THR C 274 3.25 31.75 26.34
CA SER C 275 0.19 31.95 28.37
CA ILE C 276 -0.52 28.31 29.49
CA PHE C 277 -3.98 27.00 30.56
CA ALA C 278 -5.20 23.61 31.74
CA GLY C 279 -3.40 25.08 34.87
CA HIS C 280 -4.25 22.35 37.38
CA LEU C 281 -2.15 23.19 40.50
CA LYS C 282 -2.63 21.90 44.11
CA CYS C 283 -1.04 22.28 47.55
CA ARG C 284 -1.77 22.41 51.26
CA LEU C 285 -2.76 25.79 52.69
CA LYS C 286 -1.03 26.59 55.85
CA MET C 287 -2.69 29.18 57.98
CA ASP C 288 0.06 28.67 60.66
CA LYS C 289 1.20 32.28 60.40
CA LEU C 290 -2.16 33.86 59.13
CA GLU C 291 -3.78 36.64 61.29
CA LEU C 292 -6.96 38.86 60.99
CA LYS C 293 -5.16 42.16 61.63
CA GLY C 294 -5.94 42.40 65.44
CA MET C 295 -8.73 41.42 67.70
CA SER C 296 -7.67 44.64 69.48
CA TYR C 297 -9.60 47.31 67.61
CA ALA C 298 -12.87 48.53 68.94
CA MET C 299 -16.25 47.33 67.42
CA CYS C 300 -17.77 50.87 67.03
CA THR C 301 -21.35 51.75 66.36
CA ASN C 302 -21.75 55.39 65.27
CA THR C 303 -22.96 57.24 62.11
CA PHE C 304 -23.42 54.43 59.58
CA VAL C 305 -25.15 54.65 56.20
CA LEU C 306 -25.78 52.43 53.12
CA LYS C 307 -24.63 52.83 49.63
CA LYS C 308 -25.80 49.76 47.72
CA GLU C 309 -28.84 47.61 48.53
CA VAL C 310 -28.34 43.80 48.42
CA SER C 311 -28.49 41.12 45.72
CA GLU C 312 -26.63 37.78 44.89
CA THR C 313 -25.18 35.44 42.11
CA GLN C 314 -23.07 32.41 43.00
CA HIS C 315 -25.66 30.67 45.25
CA GLY C 316 -24.76 32.57 48.39
CA THR C 317 -22.86 35.66 47.22
CA ILE C 318 -24.76 38.52 48.90
CA LEU C 319 -23.06 41.89 48.45
CA ILE C 320 -23.56 45.18 50.42
CA LYS C 321 -21.79 48.58 50.34
CA VAL C 322 -21.97 50.98 53.23
CA GLU C 323 -20.64 54.23 54.60
CA TYR C 324 -19.49 55.19 58.08
CA LYS C 325 -18.38 58.42 59.68
CA GLY C 326 -17.80 60.24 63.05
CA GLU C 327 -15.13 58.00 64.41
CA ASP C 328 -11.32 58.38 63.86
CA ALA C 329 -8.28 56.17 63.18
CA PRO C 330 -8.80 52.83 61.40
CA CYS C 331 -12.04 51.24 62.55
CA LYS C 332 -13.73 47.92 62.88
CA ILE C 333 -17.58 47.20 62.76
CA PRO C 334 -19.80 44.57 64.51
CA PHE C 335 -22.05 42.66 62.03
CA SER C 336 -24.58 39.92 62.85
CA THR C 337 -27.38 38.20 60.85
CA GLU C 338 -30.53 36.67 62.34
CA ASP C 339 -33.74 35.12 61.21
CA GLY C 340 -36.35 37.28 59.43
CA GLN C 341 -37.83 38.96 62.42
CA GLY C 342 -37.11 35.80 64.53
CA LYS C 343 -34.05 37.40 66.10
CA ALA C 344 -32.47 33.88 66.06
CA HIS C 345 -28.72 33.15 65.31
CA ASN C 346 -28.53 32.03 61.69
CA GLY C 347 -26.43 33.64 58.84
CA ARG C 348 -22.73 34.25 58.23
CA LEU C 349 -21.03 37.51 57.31
CA ILE C 350 -18.20 36.03 55.09
CA THR C 351 -16.05 39.23 55.46
CA ALA C 352 -15.06 38.15 58.95
CA ASN C 353 -14.87 41.66 60.45
CA PRO C 354 -15.03 44.74 58.16
CA VAL C 355 -12.35 47.45 58.33
CA VAL C 356 -12.46 51.15 57.13
CA THR C 357 -9.17 53.06 57.04
CA LYS C 358 -9.91 56.67 55.72
CA LYS C 359 -13.39 56.84 57.48
CA GLU C 360 -14.92 57.62 54.03
CA GLU C 361 -14.76 54.45 52.03
CA PRO C 362 -17.95 52.81 50.45
CA VAL C 363 -16.20 49.41 50.77
CA ASN C 364 -17.29 45.91 49.67
CA ILE C 365 -18.83 43.34 52.17
CA GLU C 366 -19.72 39.71 51.26
CA ALA C 367 -22.41 37.85 53.39
CA GLU C 368 -24.57 34.62 53.29
CA PRO C 369 -28.07 34.04 54.77
CA PRO C 370 -29.62 30.41 54.87
CA PHE C 371 -32.64 30.00 52.42
CA GLY C 372 -35.51 32.62 52.92
CA GLU C 373 -36.10 36.07 54.47
CA SER C 374 -33.24 37.22 56.74
CA ASN C 375 -31.94 40.28 58.70
CA ILE C 376 -28.45 41.63 58.58
CA VAL C 377 -27.80 43.88 61.61
CA ILE C 378 -24.86 46.15 62.46
CA GLY C 379 -26.25 46.52 66.00
CA ILE C 380 -26.40 50.31 66.70
CA GLY C 381 -28.02 51.36 70.06
CA ASP C 382 -30.25 53.96 68.40
CA ASN C 383 -31.15 51.19 65.97
CA ALA C 384 -30.32 53.25 62.90
CA LEU C 385 -29.48 50.41 60.47
CA LYS C 386 -31.53 47.26 59.98
CA ILE C 387 -31.32 45.42 56.68
CA ASN C 388 -34.02 43.21 55.35
CA TRP C 389 -33.68 40.80 52.44
CA TYR C 390 -35.26 37.73 50.83
CA LYS C 391 -33.01 34.91 49.71
CA LYS C 392 -34.21 32.65 46.86
CA GLY C 393 -32.33 29.35 47.01
CA SER C 394 -33.55 26.44 49.07
CA SER C 395 -31.68 23.92 51.33
CA ILE C 396 -32.51 21.25 48.82
CA GLY C 397 -31.37 23.45 45.85
CA LYS C 398 -28.07 23.89 47.72
CA MET C 399 -27.58 20.07 48.14
CA PHE C 400 -28.31 19.74 44.34
CA GLU C 401 -25.75 22.41 43.01
CA ALA C 402 -23.36 20.91 45.50
CA THR C 403 -23.99 17.31 44.29
CA ALA C 404 -23.48 18.61 40.68
CA ARG C 405 -20.37 20.96 41.35
CA GLY C 406 -18.82 18.18 43.40
CA ALA C 407 -19.43 15.37 40.87
CA ARG C 408 -17.96 17.75 38.27
CA ARG C 409 -14.62 18.13 40.12
CA MET C 410 -14.51 14.30 40.64
CA ALA C 411 -14.79 12.48 37.29
CA ILE C 412 -13.12 15.31 35.34
CA LEU C 413 -9.99 15.32 37.63
CA GLY C 414 -10.19 11.60 38.45
CA ASP C 415 -8.66 10.42 41.91
CA THR C 416 -6.66 13.80 42.34
CA ALA C 417 -9.97 15.49 43.19
CA TRP C 418 -9.80 14.12 46.77
CA ASP C 419 -6.72 16.42 47.35
CA PHE C 420 -9.35 18.95 48.24
CA GLY C 421 -10.00 16.93 51.44
CA SER C 422 -8.89 19.37 54.22
CA VAL C 423 -7.39 17.17 56.80
CA GLY C 424 -4.72 14.61 56.28
CA GLY C 425 -4.95 10.78 56.00
CA VAL C 426 -8.06 9.07 57.19
CA LEU C 427 -11.41 9.24 55.10
CA ASN C 428 -10.11 11.44 52.18
CA SER C 429 -6.89 9.36 51.69
CA LEU C 430 -9.17 6.31 51.73
CA GLY C 431 -11.19 7.84 48.98
CA LYS C 432 -8.14 9.00 47.04
CA MET C 433 -6.39 5.64 46.79
CA VAL C 434 -9.45 3.59 45.92
CA HIS C 435 -10.32 6.10 43.18
CA GLN C 436 -6.74 6.03 41.77
CA ILE C 437 -7.00 2.33 41.11
CA PHE C 438 -10.68 2.50 39.91
CA GLY C 439 -10.58 5.60 37.61
CA SER C 440 -7.22 4.65 36.06
CA ALA C 441 -8.46 1.14 35.00
CA TYR C 442 -11.74 2.47 33.55
CA THR C 443 -10.07 5.57 31.92
CA ALA C 444 -7.52 3.05 30.48
CA LEU C 445 -10.38 0.87 29.23
CA PHE C 446 -12.21 3.67 27.59
CA SER C 447 -9.18 5.74 26.55
CA GLY C 448 -8.84 8.26 23.66
CA VAL C 449 -12.48 8.27 22.54
CA SER C 450 -15.26 10.79 23.72
CA TRP C 451 -19.01 11.72 23.52
CA VAL C 452 -20.52 9.20 21.04
CA MET C 453 -18.45 6.23 21.85
CA LYS C 454 -18.70 6.87 25.65
CA ILE C 455 -22.59 7.16 25.80
CA GLY C 456 -22.79 4.15 23.28
CA ILE C 457 -21.00 1.98 25.91
CA GLY C 458 -23.24 3.79 28.49
CA VAL C 459 -26.40 2.65 26.74
CA LEU C 460 -25.20 -0.94 25.67
CA LEU C 461 -24.43 -1.60 29.37
CA THR C 462 -27.80 -0.22 30.65
CA TRP C 463 -29.41 -2.52 28.05
CA ILE C 464 -27.21 -5.52 29.30
CA GLY C 465 -28.47 -4.62 32.86
CA LEU C 466 -32.06 -4.24 31.84
CA ASN C 467 -31.86 -7.68 30.19
CA SER C 468 -30.02 -9.47 33.06
CA LYS C 469 -31.08 -11.70 36.05
CA ASN C 470 -29.59 -12.99 39.41
CA THR C 471 -26.05 -11.70 40.31
CA SER C 472 -25.20 -10.66 36.77
CA MET C 473 -26.91 -7.17 37.20
CA SER C 474 -24.36 -5.98 39.77
CA PHE C 475 -21.57 -6.12 37.20
CA SER C 476 -23.31 -3.95 34.58
CA CYS C 477 -24.74 -1.67 37.29
CA ILE C 478 -21.19 -1.07 38.74
CA ALA C 479 -19.88 -0.72 35.14
CA ILE C 480 -22.41 2.00 34.07
CA GLY C 481 -22.45 3.56 37.65
CA ILE C 482 -23.97 6.88 36.32
CA ILE C 483 -20.33 8.14 35.93
CA THR C 484 -20.14 6.73 32.31
CA LEU C 485 -23.22 8.67 31.25
CA TYR C 486 -22.43 11.79 33.47
CA LEU C 487 -18.88 11.85 31.92
CA GLY C 488 -20.17 11.70 28.24
CA ALA C 489 -22.36 14.70 28.73
CA VAL C 490 -20.06 17.05 30.73
CA VAL C 491 -16.64 16.30 28.93
CA GLN C 492 -14.85 19.02 26.83
CA ALA C 493 -15.85 22.53 27.77
CA SER D 1 -3.79 12.49 11.92
CA VAL D 2 -4.92 15.79 10.30
CA ALA D 3 -8.23 14.04 9.80
CA LEU D 4 -8.71 10.78 11.77
CA ALA D 5 -8.17 10.53 15.58
CA PRO D 6 -8.30 14.17 16.68
CA HIS D 7 -7.25 15.42 20.14
CA VAL D 8 -10.10 14.51 22.42
CA GLY D 9 -10.06 12.05 25.49
CA MET D 10 -6.41 12.29 26.42
CA GLY D 11 -7.01 13.75 29.78
CA LEU D 12 -7.06 17.53 29.08
CA ASP D 13 -10.46 17.76 30.74
CA THR D 14 -10.48 20.68 33.24
CA ARG D 15 -12.60 23.84 33.43
CA THR D 16 -10.51 25.14 30.54
CA GLN D 17 -12.73 26.00 27.59
CA THR D 18 -11.41 24.01 24.61
CA TRP D 19 -10.70 24.62 21.04
CA MET D 20 -13.88 23.25 19.16
CA SER D 21 -15.90 21.64 21.93
CA ALA D 22 -19.49 22.14 20.48
CA GLU D 23 -18.46 22.49 16.75
CA GLY D 24 -16.07 19.47 16.16
CA ALA D 25 -17.79 16.93 18.51
CA TRP D 26 -21.13 17.54 16.61
CA ARG D 27 -19.58 18.04 13.12
CA GLN D 28 -18.62 14.24 13.06
CA VAL D 29 -22.04 12.89 13.81
CA GLU D 30 -23.75 15.43 11.68
CA LYS D 31 -21.88 14.10 8.65
CA VAL D 32 -22.15 10.33 9.52
CA GLU D 33 -25.93 11.15 9.34
CA THR D 34 -25.62 13.15 6.05
CA TRP D 35 -23.72 10.05 4.54
CA ALA D 36 -26.03 7.40 6.14
CA LEU D 37 -29.00 9.35 4.57
CA ARG D 38 -27.49 10.08 1.10
CA HIS D 39 -27.37 6.43 0.06
CA PRO D 40 -30.87 5.05 1.22
CA GLY D 41 -29.57 1.45 0.33
CA PHE D 42 -27.12 1.46 3.33
CA THR D 43 -30.29 1.22 5.56
CA ILE D 44 -31.65 -1.78 3.58
CA LEU D 45 -28.22 -3.60 3.69
CA ALA D 46 -27.91 -2.78 7.39
CA LEU D 47 -31.45 -3.94 8.63
CA PHE D 48 -30.97 -7.02 6.19
CA LEU D 49 -27.69 -8.41 7.58
CA ALA D 50 -29.00 -7.42 11.08
CA HIS D 51 -32.21 -9.64 10.46
CA TYR D 52 -30.34 -12.95 10.33
CA ILE D 53 -27.98 -12.42 13.32
CA GLY D 54 -28.75 -10.89 16.83
CA THR D 55 -30.97 -13.54 18.39
CA SER D 56 -31.77 -11.63 21.56
CA LEU D 57 -33.25 -8.79 19.43
CA THR D 58 -31.58 -6.10 21.68
CA GLN D 59 -28.50 -7.32 19.79
CA LYS D 60 -30.11 -6.73 16.33
CA VAL D 61 -31.00 -3.16 17.21
CA VAL D 62 -27.50 -2.61 18.60
CA ILE D 63 -25.68 -4.13 15.52
CA PHE D 64 -28.03 -2.16 13.11
CA ILE D 65 -27.16 1.19 14.78
CA LEU D 66 -23.44 -0.06 15.04
CA LEU D 67 -23.19 -0.83 11.22
CA MET D 68 -24.95 2.43 10.35
CA LEU D 69 -22.56 4.50 12.50
CA VAL D 70 -19.28 2.96 10.97
CA THR D 71 -19.17 4.98 7.63
CA PRO D 72 -15.50 5.42 6.55
CA MET E 1 -1.67 -0.14 -34.02
CA ARG E 2 -1.20 2.49 -31.20
CA CYS E 3 -2.79 0.35 -28.55
CA VAL E 4 0.76 -1.07 -27.71
CA GLY E 5 1.50 -0.26 -24.05
CA VAL E 6 -1.80 1.48 -23.29
CA GLY E 7 -2.83 -1.20 -20.80
CA ASN E 8 -6.27 -2.46 -21.84
CA ARG E 9 -7.82 -3.97 -24.94
CA ASP E 10 -10.45 -6.48 -26.27
CA PHE E 11 -11.27 -7.87 -29.71
CA VAL E 12 -14.54 -7.57 -31.65
CA GLU E 13 -14.16 -9.99 -34.53
CA GLY E 14 -17.24 -10.24 -36.96
CA LEU E 15 -19.70 -9.01 -39.63
CA SER E 16 -22.29 -8.35 -36.85
CA GLY E 17 -25.79 -8.19 -38.52
CA ALA E 18 -24.27 -6.76 -41.73
CA THR E 19 -22.30 -4.19 -39.52
CA TRP E 20 -24.73 -3.03 -36.89
CA VAL E 21 -21.98 -3.04 -34.14
CA ASP E 22 -22.27 -1.84 -30.56
CA VAL E 23 -19.00 -0.73 -28.95
CA VAL E 24 -18.08 1.24 -25.85
CA LEU E 25 -14.99 3.51 -25.51
CA GLU E 26 -13.48 3.46 -21.97
CA HIS E 27 -10.55 5.84 -22.59
CA GLY E 28 -8.09 3.70 -20.60
CA GLY E 29 -7.74 1.16 -23.51
CA CYS E 30 -8.42 0.54 -27.21
CA VAL E 31 -11.18 -1.74 -28.54
CA THR E 32 -9.99 -3.26 -31.74
CA THR E 33 -12.21 -4.89 -34.36
CA MET E 34 -11.86 -7.16 -37.43
CA ALA E 35 -14.59 -7.82 -40.14
CA LYS E 36 -14.52 -9.76 -43.37
CA ASN E 37 -13.24 -7.32 -46.07
CA LYS E 38 -12.83 -4.12 -43.92
CA PRO E 39 -9.73 -2.81 -42.22
CA THR E 40 -9.03 -3.23 -38.54
CA LEU E 41 -9.14 -0.05 -36.38
CA ASP E 42 -7.92 0.85 -32.99
CA ILE E 43 -10.39 3.22 -31.29
CA GLU E 44 -9.11 5.51 -28.48
CA LEU E 45 -11.43 8.04 -26.68
CA GLN E 46 -9.24 11.11 -26.26
CA LYS E 47 -10.95 13.85 -24.25
CA THR E 48 -13.96 15.73 -23.66
CA GLU E 49 -14.60 19.31 -22.59
CA ALA E 50 -17.37 22.01 -22.62
CA THR E 51 -17.83 25.74 -23.04
CA GLN E 52 -19.91 28.36 -21.14
CA LEU E 53 -19.73 26.90 -17.75
CA ALA E 54 -22.55 28.11 -15.49
CA THR E 55 -21.59 29.11 -11.85
CA LEU E 56 -23.32 27.95 -8.58
CA ARG E 57 -22.25 27.62 -4.83
CA LYS E 58 -18.79 29.38 -4.29
CA LEU E 59 -16.62 28.11 -1.46
CA CYS E 60 -13.24 29.61 -0.37
CA ILE E 61 -10.20 27.91 0.83
CA GLU E 62 -8.52 30.71 2.85
CA GLY E 63 -10.50 33.19 4.96
CA LYS E 64 -9.72 36.26 6.98
CA ILE E 65 -11.46 38.49 9.64
CA THR E 66 -11.28 42.25 10.09
CA ASN E 67 -12.31 45.37 12.22
CA ILE E 68 -13.77 43.08 15.02
CA THR E 69 -16.03 44.20 17.96
CA THR E 70 -18.20 42.96 20.81
CA ASP E 71 -20.73 44.17 23.45
CA SER E 72 -23.05 42.66 25.97
CA ARG E 73 -26.30 43.73 27.85
CA CYS E 74 -26.53 44.18 31.62
CA PRO E 75 -25.92 41.08 33.86
CA THR E 76 -29.24 39.15 34.34
CA GLN E 77 -31.15 40.81 31.33
CA GLY E 78 -31.44 41.25 27.56
CA GLU E 79 -30.31 39.65 24.37
CA ALA E 80 -26.96 41.36 23.14
CA VAL E 81 -26.96 42.98 19.66
CA LEU E 82 -24.98 45.59 17.66
CA PRO E 83 -25.99 47.25 14.19
CA GLU E 84 -23.49 45.31 12.06
CA GLU E 85 -24.91 41.90 13.20
CA GLN E 86 -27.45 42.60 10.35
CA ASP E 87 -25.08 42.49 7.42
CA GLN E 88 -24.41 39.34 5.54
CA ASN E 89 -20.59 38.99 5.57
CA TYR E 90 -20.58 39.61 9.27
CA VAL E 91 -20.08 36.54 11.37
CA CYS E 92 -21.22 36.85 14.97
CA LYS E 93 -22.55 34.64 17.77
CA HIS E 94 -24.83 35.06 20.84
CA THR E 95 -23.57 33.62 24.15
CA TYR E 96 -24.14 33.24 27.90
CA VAL E 97 -21.52 34.79 30.25
CA ASP E 98 -21.12 34.93 34.05
CA ARG E 99 -19.99 38.36 35.27
CA GLY E 100 -20.59 40.79 38.03
CA TRP E 101 -19.47 44.03 39.67
CA GLY E 102 -15.77 44.71 39.29
CA ASN E 103 -16.01 42.96 35.87
CA GLY E 104 -17.32 46.26 34.38
CA CYS E 105 -20.95 46.40 35.25
CA GLY E 106 -23.32 47.72 37.79
CA LEU E 107 -25.08 44.51 38.28
CA PHE E 108 -24.08 40.91 38.82
CA GLY E 109 -24.97 37.39 37.47
CA LYS E 110 -25.45 35.56 34.28
CA GLY E 111 -25.79 37.93 31.23
CA SER E 112 -25.49 37.88 27.33
CA LEU E 113 -22.51 38.58 24.94
CA VAL E 114 -21.89 38.93 21.22
CA THR E 115 -18.69 39.07 19.38
CA CYS E 116 -18.83 40.43 15.77
CA ALA E 117 -16.43 40.03 12.96
CA LYS E 118 -16.36 41.11 9.38
CA PHE E 119 -15.37 37.98 7.26
CA GLN E 120 -13.45 38.34 3.95
CA CYS E 121 -12.78 35.50 1.49
CA LEU E 122 -9.40 34.65 0.28
CA GLU E 123 -8.81 32.46 -2.90
CA PRO E 124 -12.23 30.91 -3.73
CA ILE E 125 -13.39 27.76 -5.70
CA GLU E 126 -16.70 28.13 -7.56
CA GLY E 127 -18.99 25.21 -8.62
CA LYS E 128 -19.92 25.16 -12.24
CA VAL E 129 -22.36 23.04 -14.19
CA VAL E 130 -22.31 22.70 -17.92
CA GLN E 131 -24.62 21.75 -20.79
CA TYR E 132 -25.05 18.87 -22.88
CA GLU E 133 -25.62 21.48 -25.64
CA ASN E 134 -22.00 22.92 -25.15
CA LEU E 135 -20.25 19.57 -24.66
CA LYS E 136 -17.63 18.36 -27.06
CA TYR E 137 -15.83 15.06 -27.41
CA THR E 138 -12.75 13.94 -29.36
CA VAL E 139 -12.60 10.37 -30.55
CA ILE E 140 -9.42 9.19 -32.42
CA ILE E 141 -9.79 6.19 -34.86
CA THR E 142 -6.40 4.74 -35.94
CA VAL E 143 -6.42 2.29 -38.84
CA HIS E 144 -4.09 -0.61 -38.97
CA THR E 145 -2.58 0.28 -42.34
CA GLY E 146 0.95 -0.40 -41.35
CA ASP E 147 2.47 3.07 -41.91
CA GLN E 148 6.08 3.45 -40.44
CA HIS E 149 5.17 6.50 -38.29
CA GLN E 150 1.67 5.12 -37.45
CA VAL E 151 2.63 3.67 -33.95
CA GLY E 152 5.02 6.41 -32.80
CA ASN E 153 3.35 9.57 -33.85
CA GLU E 154 -0.09 10.45 -32.38
CA THR E 155 -0.90 12.58 -35.49
CA GLN E 156 -1.05 9.58 -37.72
CA GLY E 157 -4.48 8.68 -36.36
CA VAL E 158 -7.73 9.77 -37.96
CA THR E 159 -9.21 12.50 -35.69
CA ALA E 160 -12.99 12.96 -34.84
CA GLU E 161 -14.25 15.90 -33.09
CA ILE E 162 -18.04 15.25 -32.15
CA THR E 163 -20.87 16.71 -30.03
CA PRO E 164 -24.31 15.39 -28.75
CA GLN E 165 -26.57 17.33 -31.23
CA ALA E 166 -24.33 15.80 -33.90
CA SER E 167 -25.91 12.34 -32.96
CA THR E 168 -24.86 10.34 -36.04
CA THR E 169 -21.43 11.52 -37.33
CA GLU E 170 -19.21 10.54 -40.19
CA ALA E 171 -15.48 9.35 -39.55
CA ILE E 172 -14.01 10.04 -43.02
CA LEU E 173 -10.81 8.01 -43.54
CA PRO E 174 -8.87 8.53 -46.87
CA GLU E 175 -9.24 5.62 -49.34
CA TYR E 176 -10.68 3.42 -46.68
CA GLY E 177 -14.17 5.04 -46.84
CA THR E 178 -16.06 6.83 -44.10
CA LEU E 179 -17.07 5.09 -40.98
CA GLY E 180 -20.49 5.88 -39.42
CA LEU E 181 -20.32 6.51 -35.53
CA GLU E 182 -23.37 7.12 -33.61
CA CYS E 183 -22.30 8.24 -30.15
CA SER E 184 -24.39 8.61 -26.99
CA PRO E 185 -26.05 12.05 -26.55
CA ARG E 186 -26.48 11.75 -22.79
CA THR E 187 -25.75 8.33 -21.13
CA GLY E 188 -22.30 8.22 -19.52
CA LEU E 189 -21.80 11.94 -18.94
CA ASP E 190 -23.80 12.62 -15.69
CA PHE E 191 -23.02 16.47 -15.50
CA ASN E 192 -25.92 17.11 -13.23
CA GLU E 193 -24.83 14.33 -10.83
CA MET E 194 -21.34 15.89 -11.03
CA ILE E 195 -20.12 19.42 -10.32
CA LEU E 196 -17.13 21.00 -12.18
CA LEU E 197 -15.38 22.84 -9.26
CA THR E 198 -12.07 24.83 -9.25
CA MET E 199 -9.29 26.35 -7.03
CA LYS E 200 -5.75 27.68 -7.76
CA ASN E 201 -5.73 26.79 -11.44
CA LYS E 202 -6.76 23.20 -11.11
CA ALA E 203 -10.14 21.53 -11.05
CA TRP E 204 -12.19 18.42 -10.12
CA MET E 205 -15.66 16.87 -10.79
CA VAL E 206 -17.54 16.07 -7.56
CA HIS E 207 -21.03 14.67 -6.71
CA ARG E 208 -23.68 17.41 -6.39
CA GLN E 209 -25.33 16.03 -3.16
CA TRP E 210 -21.86 16.18 -1.35
CA PHE E 211 -20.84 19.63 -2.60
CA PHE E 212 -24.28 20.73 -1.29
CA ASP E 213 -23.69 19.44 2.20
CA LEU E 214 -19.80 19.87 2.79
CA PRO E 215 -18.96 21.93 5.83
CA LEU E 216 -17.02 24.78 4.12
CA PRO E 217 -18.86 28.27 3.86
CA TRP E 218 -20.31 29.35 0.51
CA ALA E 219 -21.44 32.12 -1.63
CA SER E 220 -24.56 32.16 -3.88
CA GLY E 221 -23.40 31.18 -7.41
CA ALA E 222 -23.24 34.29 -9.56
CA THR E 223 -21.08 36.50 -7.17
CA THR E 224 -18.32 37.53 -9.54
CA GLU E 225 -18.16 41.21 -8.00
CA THR E 226 -19.79 40.58 -4.55
CA PRO E 227 -19.16 37.32 -2.45
CA THR E 228 -22.12 37.00 -0.20
CA TRP E 229 -21.20 34.34 2.43
CA ASN E 230 -23.81 32.03 3.90
CA ARG E 231 -23.53 30.66 7.48
CA LYS E 232 -19.68 31.46 7.99
CA GLU E 233 -19.60 29.35 11.13
CA LEU E 234 -18.19 26.43 9.23
CA LEU E 235 -14.83 28.12 9.00
CA VAL E 236 -14.48 30.62 11.88
CA THR E 237 -15.09 29.84 15.61
CA PHE E 238 -15.41 31.85 18.74
CA LYS E 239 -13.49 30.93 21.99
CA ASN E 240 -14.41 32.05 25.60
CA ALA E 241 -11.97 32.43 28.47
CA HIS E 242 -14.45 30.52 30.58
CA ALA E 243 -16.81 33.47 30.97
CA LYS E 244 -14.39 36.37 31.22
CA LYS E 245 -14.16 37.62 27.60
CA GLN E 246 -14.60 35.97 24.15
CA GLU E 247 -11.99 35.95 21.25
CA VAL E 248 -11.96 34.81 17.53
CA VAL E 249 -10.05 32.31 15.35
CA VAL E 250 -10.16 31.68 11.55
CA LEU E 251 -8.93 28.03 11.68
CA GLY E 252 -6.66 27.74 8.57
CA SER E 253 -6.57 26.98 4.79
CA GLN E 254 -9.24 24.09 4.36
CA GLU E 255 -7.27 23.46 1.00
CA GLY E 256 -5.78 20.31 2.72
CA ALA E 257 -8.93 18.61 3.99
CA MET E 258 -10.62 19.70 0.75
CA HIS E 259 -8.09 17.75 -1.43
CA THR E 260 -7.75 14.94 1.13
CA ALA E 261 -11.49 13.98 1.03
CA LEU E 262 -11.75 13.40 -2.66
CA THR E 263 -11.17 9.68 -2.46
CA GLY E 264 -13.36 8.59 -5.39
CA ALA E 265 -13.12 11.66 -7.65
CA THR E 266 -10.08 13.09 -9.65
CA GLU E 267 -8.62 16.17 -11.39
CA ILE E 268 -9.89 17.80 -14.61
CA GLN E 269 -7.38 19.83 -16.65
CA ASN E 270 -8.13 23.66 -16.18
CA SER E 271 -5.15 24.18 -18.66
CA GLY E 272 -7.53 22.69 -21.26
CA GLY E 273 -10.54 24.63 -20.00
CA THR E 274 -12.30 21.43 -18.87
CA SER E 275 -10.35 18.57 -20.59
CA ILE E 276 -11.38 15.30 -18.83
CA PHE E 277 -9.11 12.35 -19.01
CA ALA E 278 -11.60 9.67 -18.13
CA GLY E 279 -14.53 9.87 -20.79
CA HIS E 280 -17.13 7.06 -20.83
CA LEU E 281 -18.47 7.14 -24.34
CA LYS E 282 -20.62 4.62 -26.28
CA CYS E 283 -21.80 4.35 -29.80
CA ARG E 284 -22.92 2.26 -32.79
CA LEU E 285 -20.17 1.33 -35.26
CA LYS E 286 -21.33 1.30 -38.91
CA MET E 287 -18.72 -0.35 -41.21
CA ASP E 288 -21.15 -0.19 -44.26
CA LYS E 289 -19.54 2.83 -46.03
CA LEU E 290 -16.12 1.36 -45.13
CA GLU E 291 -14.08 -0.87 -47.42
CA LEU E 292 -10.84 -3.04 -47.38
CA LYS E 293 -8.81 -0.85 -49.78
CA GLY E 294 -5.65 -2.21 -51.59
CA MET E 295 -7.38 -5.13 -53.31
CA SER E 296 -7.23 -3.03 -56.48
CA TYR E 297 -3.50 -3.82 -56.56
CA ALA E 298 -1.66 -7.08 -57.52
CA MET E 299 -0.30 -9.91 -55.18
CA CYS E 300 3.32 -10.69 -55.80
CA THR E 301 6.51 -12.11 -54.28
CA ASN E 302 9.53 -10.26 -55.86
CA THR E 303 12.08 -9.30 -53.07
CA PHE E 304 11.48 -9.20 -49.40
CA VAL E 305 13.72 -8.42 -46.43
CA LEU E 306 13.30 -7.87 -42.59
CA LYS E 307 14.08 -4.71 -40.64
CA LYS E 308 13.44 -5.27 -36.88
CA GLU E 309 12.91 -8.02 -34.25
CA VAL E 310 9.72 -9.41 -32.64
CA SER E 311 8.46 -9.07 -29.11
CA GLU E 312 4.94 -8.42 -27.65
CA THR E 313 3.48 -6.10 -24.86
CA GLN E 314 -0.33 -6.39 -24.22
CA HIS E 315 -0.87 -10.16 -24.03
CA GLY E 316 -1.45 -10.52 -27.81
CA THR E 317 0.47 -7.73 -29.63
CA ILE E 318 3.07 -9.49 -31.74
CA LEU E 319 4.59 -6.88 -34.14
CA ILE E 320 7.16 -6.89 -37.02
CA LYS E 321 8.93 -4.33 -39.41
CA VAL E 322 10.17 -5.45 -42.88
CA GLU E 323 11.88 -4.20 -46.15
CA TYR E 324 10.83 -4.52 -49.80
CA LYS E 325 11.94 -4.34 -53.39
CA GLY E 326 10.08 -5.08 -56.70
CA GLU E 327 7.29 -3.79 -58.92
CA ASP E 328 6.19 -0.17 -59.50
CA ALA E 329 2.52 -0.69 -58.41
CA PRO E 330 1.61 -0.49 -54.56
CA CYS E 331 1.34 -4.35 -54.70
CA LYS E 332 0.45 -6.91 -51.94
CA ILE E 333 2.73 -9.51 -50.32
CA PRO E 334 1.65 -13.05 -49.14
CA PHE E 335 1.72 -14.18 -45.52
CA SER E 336 0.43 -17.11 -43.47
CA THR E 337 0.28 -18.64 -39.95
CA GLU E 338 1.65 -22.17 -39.71
CA ASP E 339 2.15 -24.36 -36.63
CA GLY E 340 5.27 -25.39 -34.65
CA GLN E 341 7.09 -26.20 -37.90
CA GLY E 342 3.75 -27.64 -39.36
CA LYS E 343 1.05 -26.76 -41.91
CA ALA E 344 -2.07 -24.88 -40.47
CA HIS E 345 -2.77 -21.81 -42.66
CA ASN E 346 -4.41 -19.82 -39.93
CA GLY E 347 -5.92 -16.19 -40.46
CA ARG E 348 -4.24 -14.79 -37.24
CA LEU E 349 -3.17 -11.58 -38.95
CA ILE E 350 -5.04 -8.59 -37.23
CA THR E 351 -3.79 -5.89 -39.63
CA ALA E 352 -6.00 -4.62 -42.66
CA ASN E 353 -4.48 -6.59 -45.50
CA PRO E 354 -0.89 -6.58 -46.89
CA VAL E 355 -0.04 -3.60 -49.08
CA VAL E 356 3.57 -2.31 -50.00
CA THR E 357 2.18 1.26 -50.91
CA LYS E 358 5.14 3.57 -50.74
CA LYS E 359 7.62 0.57 -51.40
CA GLU E 360 10.44 2.30 -49.56
CA GLU E 361 8.76 2.18 -46.19
CA PRO E 362 9.71 -0.35 -43.40
CA VAL E 363 6.08 -0.53 -42.13
CA ASN E 364 4.59 -1.80 -38.76
CA ILE E 365 2.49 -4.98 -38.76
CA GLU E 366 0.25 -6.35 -35.94
CA ALA E 367 -0.11 -10.19 -35.67
CA GLU E 368 -1.95 -12.44 -33.11
CA PRO E 369 -0.39 -15.88 -33.38
CA PRO E 370 -1.42 -18.94 -31.43
CA PHE E 371 -0.55 -20.05 -28.04
CA GLY E 372 2.43 -22.29 -28.81
CA GLU E 373 5.27 -22.20 -31.15
CA SER E 374 4.13 -20.56 -34.47
CA ASN E 375 5.78 -19.54 -37.71
CA ILE E 376 4.61 -16.58 -39.75
CA VAL E 377 5.50 -17.21 -43.35
CA ILE E 378 6.05 -15.02 -46.41
CA GLY E 379 8.42 -17.38 -48.22
CA ILE E 380 9.70 -16.51 -51.73
CA GLY E 381 12.81 -18.64 -52.93
CA ASP E 382 13.50 -21.88 -51.18
CA ASN E 383 10.89 -20.76 -48.57
CA ALA E 384 13.59 -18.17 -47.32
CA LEU E 385 11.45 -15.35 -45.63
CA LYS E 386 10.21 -17.26 -42.62
CA ILE E 387 9.92 -16.21 -38.96
CA ASN E 388 9.34 -18.57 -35.97
CA TRP E 389 8.09 -17.17 -32.72
CA TYR E 390 6.92 -18.92 -29.42
CA LYS E 391 3.96 -17.06 -27.74
CA LYS E 392 3.62 -19.14 -24.63
CA GLY E 393 -0.04 -18.46 -24.03
CA SER E 394 -2.21 -21.62 -23.62
CA SER E 395 -5.80 -21.55 -25.14
CA ILE E 396 -6.98 -22.05 -21.47
CA GLY E 397 -4.97 -19.07 -20.13
CA LYS E 398 -6.41 -16.83 -22.83
CA MET E 399 -9.95 -17.75 -21.62
CA PHE E 400 -9.53 -16.85 -17.96
CA GLU E 401 -7.84 -13.59 -18.91
CA ALA E 402 -10.59 -12.55 -21.19
CA THR E 403 -13.34 -13.40 -18.58
CA ALA E 404 -11.34 -11.77 -15.77
CA ARG E 405 -10.92 -8.64 -17.90
CA GLY E 406 -14.66 -8.74 -18.85
CA ALA E 407 -15.70 -8.88 -15.20
CA ARG E 408 -13.29 -5.96 -14.30
CA ARG E 409 -14.95 -3.60 -16.85
CA MET E 410 -18.44 -4.95 -15.68
CA ALA E 411 -17.72 -3.87 -12.20
CA ILE E 412 -16.92 -0.18 -12.84
CA LEU E 413 -19.54 0.58 -15.47
CA GLY E 414 -22.46 -1.57 -14.27
CA ASP E 415 -25.50 -1.97 -16.66
CA THR E 416 -23.82 -0.17 -19.67
CA ALA E 417 -20.91 -2.65 -19.74
CA TRP E 418 -23.24 -5.06 -21.66
CA ASP E 419 -23.24 -2.63 -24.59
CA PHE E 420 -20.07 -4.46 -25.66
CA GLY E 421 -22.04 -7.63 -26.35
CA SER E 422 -23.28 -6.29 -29.76
CA VAL E 423 -25.90 -7.68 -32.39
CA GLY E 424 -29.60 -7.00 -32.17
CA GLY E 425 -31.96 -9.31 -30.13
CA VAL E 426 -31.16 -12.81 -29.11
CA LEU E 427 -29.34 -13.77 -25.71
CA ASN E 428 -26.91 -10.75 -25.32
CA SER E 429 -29.88 -8.25 -25.61
CA LEU E 430 -31.98 -10.44 -23.15
CA GLY E 431 -29.09 -10.24 -20.54
CA LYS E 432 -28.95 -6.50 -21.21
CA MET E 433 -32.62 -5.74 -20.08
CA VAL E 434 -32.24 -8.06 -17.05
CA HIS E 435 -28.91 -6.56 -16.00
CA GLN E 436 -30.34 -2.99 -16.51
CA ILE E 437 -33.41 -3.62 -14.27
CA PHE E 438 -31.32 -5.55 -11.70
CA GLY E 439 -27.91 -3.95 -11.89
CA SER E 440 -29.33 -0.44 -11.36
CA ALA E 441 -30.66 -1.71 -8.08
CA TYR E 442 -28.95 -4.78 -6.25
CA THR E 443 -25.22 -4.53 -7.34
CA ALA E 444 -25.50 -0.72 -6.86
CA LEU E 445 -28.41 -0.44 -4.39
CA PHE E 446 -25.62 -0.07 -1.76
CA SER E 447 -24.22 2.95 -3.72
CA GLY E 448 -21.09 5.04 -2.80
CA VAL E 449 -19.82 2.87 0.17
CA SER E 450 -15.97 3.12 0.89
CA TRP E 451 -13.69 0.13 -0.37
CA VAL E 452 -13.12 -1.75 3.01
CA MET E 453 -16.65 -1.41 4.65
CA LYS E 454 -18.21 -2.69 1.40
CA ILE E 455 -16.09 -5.88 0.89
CA GLY E 456 -16.05 -6.54 4.71
CA ILE E 457 -19.83 -6.49 4.89
CA GLY E 458 -19.83 -8.50 1.59
CA VAL E 459 -17.78 -11.52 3.09
CA LEU E 460 -19.68 -11.42 6.43
CA LEU E 461 -23.03 -11.52 4.76
CA THR E 462 -21.82 -14.29 2.42
CA TRP E 463 -20.64 -16.41 5.39
CA ILE E 464 -24.07 -15.81 7.20
CA GLY E 465 -25.62 -17.02 3.69
CA LEU E 466 -23.35 -20.02 3.66
CA ASN E 467 -24.40 -20.93 7.20
CA SER E 468 -28.13 -20.44 6.23
CA LYS E 469 -30.31 -23.49 5.80
CA ASN E 470 -33.23 -23.97 3.28
CA THR E 471 -34.16 -21.89 0.22
CA SER E 472 -32.43 -18.89 1.83
CA MET E 473 -29.04 -19.87 0.36
CA SER E 474 -30.44 -19.11 -3.10
CA PHE E 475 -30.93 -15.42 -2.26
CA SER E 476 -27.24 -15.39 -1.28
CA CYS E 477 -26.09 -17.48 -4.29
CA ILE E 478 -27.41 -14.96 -6.90
CA ALA E 479 -24.91 -11.99 -6.55
CA ILE E 480 -24.32 -11.51 -2.72
CA GLY E 481 -21.72 -14.28 -2.88
CA ILE E 482 -18.35 -13.26 -4.40
CA ILE E 483 -19.91 -10.78 -6.87
CA THR E 484 -20.16 -8.22 -4.06
CA LEU E 485 -16.53 -8.88 -3.06
CA TYR E 486 -14.84 -8.84 -6.43
CA LEU E 487 -16.94 -5.93 -7.69
CA GLY E 488 -16.47 -3.94 -4.44
CA ALA E 489 -12.73 -4.52 -4.37
CA VAL E 490 -11.91 -3.72 -7.98
CA VAL E 491 -13.31 -0.15 -7.54
CA GLN E 492 -11.34 2.70 -6.02
CA ALA E 493 -9.14 2.81 -9.05
CA SER F 1 -12.38 19.37 9.30
CA VAL F 2 -13.69 16.55 6.99
CA ALA F 3 -12.54 12.99 7.97
CA LEU F 4 -15.45 10.66 8.13
CA ALA F 5 -17.81 10.45 5.12
CA PRO F 6 -15.60 11.62 2.23
CA HIS F 7 -16.27 11.80 -1.49
CA VAL F 8 -17.51 8.19 -2.12
CA GLY F 9 -17.43 6.18 -5.40
CA MET F 10 -19.81 7.23 -8.16
CA GLY F 11 -18.21 5.57 -11.13
CA LEU F 12 -15.17 7.91 -11.00
CA ASP F 13 -13.31 4.67 -10.21
CA THR F 14 -12.79 4.32 -14.04
CA ARG F 15 -9.22 2.82 -13.97
CA THR F 16 -7.70 6.24 -15.10
CA GLN F 17 -6.71 7.11 -11.51
CA THR F 18 -8.78 8.47 -8.68
CA TRP F 19 -7.29 11.55 -6.59
CA MET F 20 -6.67 9.32 -3.57
CA SER F 21 -6.12 6.08 -5.73
CA ALA F 22 -3.38 4.38 -3.61
CA GLU F 23 -3.46 6.98 -0.76
CA GLY F 24 -7.13 6.96 0.54
CA ALA F 25 -7.68 3.25 -0.30
CA TRP F 26 -4.75 2.61 2.04
CA ARG F 27 -5.38 5.32 4.67
CA GLN F 28 -8.51 3.17 5.53
CA VAL F 29 -6.54 0.12 6.52
CA GLU F 30 -3.91 2.48 7.95
CA LYS F 31 -6.31 3.93 10.53
CA VAL F 32 -7.51 0.50 11.77
CA GLU F 33 -3.83 -0.44 12.18
CA THR F 34 -2.95 2.94 13.76
CA TRP F 35 -5.82 2.79 16.27
CA ALA F 36 -5.60 -0.98 17.16
CA LEU F 37 -1.88 -0.36 17.92
CA ARG F 38 -1.93 2.89 19.78
CA HIS F 39 -4.13 2.00 22.77
CA PRO F 40 -5.16 -1.61 23.92
CA GLY F 41 -8.18 -0.54 26.20
CA PHE F 42 -11.03 -0.29 23.63
CA THR F 43 -9.84 -3.64 22.18
CA ILE F 44 -9.98 -5.16 25.73
CA LEU F 45 -13.18 -3.52 26.68
CA ALA F 46 -14.76 -4.53 23.39
CA LEU F 47 -14.00 -8.45 23.48
CA PHE F 48 -15.40 -8.69 27.05
CA LEU F 49 -18.75 -7.18 26.24
CA ALA F 50 -19.03 -9.47 23.19
CA HIS F 51 -18.74 -12.39 25.60
CA TYR F 52 -22.04 -11.11 27.13
CA ILE F 53 -24.07 -10.49 23.99
CA GLY F 54 -25.63 -12.39 21.01
CA THR F 55 -23.21 -15.30 21.38
CA SER F 56 -22.65 -17.32 18.21
CA LEU F 57 -18.86 -17.05 17.52
CA THR F 58 -19.85 -15.05 14.33
CA GLN F 59 -21.45 -12.45 16.60
CA LYS F 60 -18.14 -11.68 18.41
CA VAL F 61 -16.18 -11.38 15.21
CA VAL F 62 -18.73 -8.90 13.74
CA ILE F 63 -19.21 -6.66 16.66
CA PHE F 64 -15.48 -6.63 17.32
CA ILE F 65 -14.49 -5.42 13.78
CA LEU F 66 -17.62 -3.08 13.67
CA LEU F 67 -16.87 -1.45 17.22
CA MET F 68 -13.19 -1.13 16.31
CA LEU F 69 -13.95 0.53 13.01
CA VAL F 70 -16.29 3.20 14.55
CA THR F 71 -13.43 4.75 16.67
CA PRO F 72 -12.71 8.43 15.49
#